data_6ZJG
#
_entry.id   6ZJG
#
_cell.length_a   77.183
_cell.length_b   151.774
_cell.length_c   97.066
_cell.angle_alpha   90.000
_cell.angle_beta   90.000
_cell.angle_gamma   90.000
#
_symmetry.space_group_name_H-M   'C 2 2 21'
#
loop_
_entity.id
_entity.type
_entity.pdbx_description
1 polymer CII-C-48-CIT
2 polymer 'ACPA E4 Fab fragment - heavy chain'
3 polymer 'ACPA E4 Fab fragment - light chain'
4 branched 2-acetamido-2-deoxy-beta-D-glucopyranose-(1-4)-2-acetamido-2-deoxy-beta-D-glucopyranose
5 water water
#
loop_
_entity_poly.entity_id
_entity_poly.type
_entity_poly.pdbx_seq_one_letter_code
_entity_poly.pdbx_strand_id
1 'polypeptide(L)' CEAGEPGE(CIR)GLKGHRGCA B
2 'polypeptide(L)'
;QVQLEESGPGLVRPSETLSLSCTVSGFPMNESYFWGWIRQSPGKGLEWLGSVIHTGTTYYRPSLESRLTIAMDPSKNQVS
LSLTSVTVADSAMYYCVRIRGGSSNWLDPWGPGIVVTASSAKTTPPSVYPLAPGCGDTTGSSVTLGCLVKGYFPESVTVT
WNSGSLSSSVHTFPALLQSGLYTMSSSVTVPSSTWPSQTVTCSVAHPASSTTVDKKIEPRP
;
HHH
3 'polypeptide(L)'
;QSVWTQPPSVSAAPGQNVTISCSGDDSILRSAFVSWYQQVPGSAPKLVIFDDRQRPSGIPARFSGSNSGTTATLDIAGLQ
RGDEADYYCAAWNGRLSAFVFGSGTKLTVLGQPKSSPSVTLFPPSSEELETNKATLVCTITDFYPGVVTVDWKVDGTPVT
QGMETTQPSKQSNNKYMASSYLTLTARAWERHSSYSCQVTHEGHTVEKSLSRADCS
;
LLL
#
loop_
_chem_comp.id
_chem_comp.type
_chem_comp.name
_chem_comp.formula
NAG D-saccharide, beta linking 2-acetamido-2-deoxy-beta-D-glucopyranose 'C8 H15 N O6'
#
# COMPACT_ATOMS: atom_id res chain seq x y z
N GLU A 5 -28.06 -15.07 -12.82
CA GLU A 5 -28.29 -16.12 -11.79
C GLU A 5 -28.86 -15.49 -10.52
N PRO A 6 -29.75 -16.18 -9.76
CA PRO A 6 -30.31 -15.62 -8.53
C PRO A 6 -29.31 -15.60 -7.36
N GLY A 7 -28.65 -16.75 -7.11
CA GLY A 7 -27.78 -16.98 -5.93
C GLY A 7 -26.58 -17.83 -6.27
N GLU A 8 -25.95 -17.60 -7.43
CA GLU A 8 -24.68 -18.24 -7.87
C GLU A 8 -23.66 -17.14 -8.22
C CIR A 9 -20.90 -16.50 -10.12
O CIR A 9 -20.28 -17.59 -9.96
CA CIR A 9 -21.56 -15.98 -8.86
N CIR A 9 -22.39 -17.05 -8.31
C3 CIR A 9 -20.52 -15.47 -7.84
C4 CIR A 9 -21.16 -14.70 -6.67
C5 CIR A 9 -20.15 -14.13 -5.69
N6 CIR A 9 -19.34 -13.05 -6.23
C7 CIR A 9 -18.56 -12.29 -5.46
O7 CIR A 9 -18.60 -12.37 -4.26
N8 CIR A 9 -17.72 -11.43 -6.06
H2 CIR A 9 -22.69 -17.81 -8.91
HA CIR A 9 -22.20 -15.12 -9.14
H CIR A 9 -22.64 -17.06 -7.33
H31 CIR A 9 -19.97 -16.32 -7.44
H32 CIR A 9 -19.81 -14.82 -8.36
H41 CIR A 9 -21.76 -13.87 -7.08
H42 CIR A 9 -21.85 -15.36 -6.14
H51 CIR A 9 -20.69 -13.76 -4.81
H52 CIR A 9 -19.49 -14.93 -5.34
HN6 CIR A 9 -19.31 -12.96 -7.24
HN81 CIR A 9 -17.68 -11.37 -7.07
HN82 CIR A 9 -17.10 -10.86 -5.50
N GLY A 10 -20.89 -15.93 -11.27
CA GLY A 10 -19.94 -16.44 -12.28
C GLY A 10 -19.73 -15.49 -13.45
N LEU A 11 -19.54 -16.05 -14.65
CA LEU A 11 -19.36 -15.34 -15.94
C LEU A 11 -20.73 -14.85 -16.45
N LYS A 12 -20.75 -14.23 -17.64
CA LYS A 12 -21.99 -13.81 -18.37
C LYS A 12 -22.65 -15.05 -18.99
N GLY A 13 -23.98 -15.13 -18.93
CA GLY A 13 -24.80 -16.19 -19.57
C GLY A 13 -24.42 -16.38 -21.02
N VAL B 2 -28.95 1.81 4.11
CA VAL B 2 -28.11 0.56 4.03
C VAL B 2 -26.67 0.85 4.49
N GLN B 3 -26.41 0.71 5.80
CA GLN B 3 -25.10 0.94 6.45
C GLN B 3 -24.54 -0.42 6.90
N LEU B 4 -23.35 -0.76 6.43
CA LEU B 4 -22.58 -1.92 6.94
C LEU B 4 -21.58 -1.40 7.96
N GLU B 5 -21.44 -2.10 9.09
CA GLU B 5 -20.42 -1.75 10.11
C GLU B 5 -19.63 -3.00 10.49
N GLU B 6 -18.30 -2.90 10.40
CA GLU B 6 -17.35 -3.94 10.83
C GLU B 6 -17.07 -3.72 12.32
N SER B 7 -16.85 -4.80 13.08
CA SER B 7 -16.41 -4.74 14.50
C SER B 7 -15.51 -5.94 14.83
N GLY B 8 -14.59 -5.78 15.77
CA GLY B 8 -13.71 -6.86 16.27
C GLY B 8 -12.40 -6.34 16.82
N PRO B 9 -11.45 -7.25 17.14
CA PRO B 9 -10.15 -6.84 17.67
C PRO B 9 -9.27 -6.16 16.60
N GLY B 10 -8.49 -5.16 17.02
CA GLY B 10 -7.54 -4.42 16.17
C GLY B 10 -6.17 -5.10 16.13
N LEU B 11 -5.87 -5.89 17.16
CA LEU B 11 -4.60 -6.63 17.29
C LEU B 11 -4.93 -8.12 17.32
N VAL B 12 -4.30 -8.92 16.46
CA VAL B 12 -4.39 -10.40 16.54
C VAL B 12 -2.98 -10.99 16.54
N ARG B 13 -2.81 -12.08 17.28
CA ARG B 13 -1.51 -12.78 17.44
C ARG B 13 -1.37 -13.81 16.33
N PRO B 14 -0.23 -13.80 15.61
CA PRO B 14 0.12 -14.88 14.68
C PRO B 14 -0.09 -16.29 15.25
N SER B 15 -0.73 -17.15 14.46
CA SER B 15 -1.07 -18.57 14.72
C SER B 15 -2.49 -18.69 15.29
N GLU B 16 -3.08 -17.61 15.82
CA GLU B 16 -4.46 -17.60 16.38
C GLU B 16 -5.45 -17.27 15.26
N THR B 17 -6.72 -17.10 15.60
CA THR B 17 -7.83 -16.96 14.64
C THR B 17 -8.30 -15.50 14.63
N LEU B 18 -8.42 -14.89 13.45
CA LEU B 18 -9.02 -13.55 13.27
C LEU B 18 -10.53 -13.70 13.07
N SER B 19 -11.32 -13.13 13.98
CA SER B 19 -12.80 -13.15 13.94
C SER B 19 -13.31 -11.71 13.88
N LEU B 20 -13.94 -11.33 12.77
CA LEU B 20 -14.59 -10.02 12.55
C LEU B 20 -16.09 -10.24 12.38
N SER B 21 -16.88 -9.25 12.78
CA SER B 21 -18.35 -9.22 12.61
C SER B 21 -18.78 -7.94 11.86
N CYS B 22 -19.84 -8.05 11.06
CA CYS B 22 -20.43 -6.91 10.34
C CYS B 22 -21.94 -6.88 10.64
N THR B 23 -22.46 -5.74 11.11
CA THR B 23 -23.91 -5.49 11.34
C THR B 23 -24.48 -4.83 10.08
N VAL B 24 -25.65 -5.29 9.62
CA VAL B 24 -26.39 -4.69 8.47
C VAL B 24 -27.62 -3.94 9.02
N SER B 25 -27.77 -2.67 8.65
CA SER B 25 -28.91 -1.81 9.03
C SER B 25 -29.63 -1.32 7.77
N GLY B 26 -30.96 -1.21 7.82
CA GLY B 26 -31.80 -0.60 6.79
C GLY B 26 -31.84 -1.39 5.49
N PHE B 27 -31.80 -2.72 5.56
CA PHE B 27 -31.98 -3.66 4.41
C PHE B 27 -32.10 -5.08 4.93
N PRO B 28 -33.11 -5.86 4.49
CA PRO B 28 -33.21 -7.27 4.87
C PRO B 28 -32.15 -8.14 4.16
N MET B 29 -31.57 -9.08 4.89
CA MET B 29 -30.58 -10.06 4.36
C MET B 29 -31.31 -11.23 3.68
N ASN B 30 -32.64 -11.32 3.89
CA ASN B 30 -33.63 -12.17 3.19
C ASN B 30 -33.40 -12.15 1.66
N GLU B 31 -32.93 -11.03 1.11
CA GLU B 31 -33.00 -10.69 -0.34
C GLU B 31 -31.81 -11.26 -1.13
N SER B 32 -31.91 -11.24 -2.46
CA SER B 32 -31.00 -11.89 -3.46
C SER B 32 -29.65 -11.13 -3.55
N TYR B 33 -28.88 -11.13 -2.46
CA TYR B 33 -27.55 -10.48 -2.40
C TYR B 33 -26.58 -11.41 -1.68
N PHE B 34 -25.31 -11.37 -2.11
CA PHE B 34 -24.15 -11.97 -1.41
C PHE B 34 -23.57 -10.91 -0.44
N TRP B 35 -23.19 -11.37 0.75
CA TRP B 35 -22.50 -10.58 1.80
C TRP B 35 -21.10 -11.14 1.96
N GLY B 36 -20.10 -10.25 2.05
CA GLY B 36 -18.70 -10.67 1.83
C GLY B 36 -17.70 -9.79 2.53
N TRP B 37 -16.44 -10.05 2.22
CA TRP B 37 -15.27 -9.44 2.88
C TRP B 37 -14.18 -9.23 1.83
N ILE B 38 -13.68 -8.01 1.78
CA ILE B 38 -12.50 -7.56 1.01
C ILE B 38 -11.46 -7.12 2.06
N ARG B 39 -10.17 -7.31 1.80
CA ARG B 39 -9.11 -6.68 2.64
C ARG B 39 -8.13 -5.90 1.75
N GLN B 40 -7.38 -5.01 2.38
CA GLN B 40 -6.42 -4.10 1.71
C GLN B 40 -5.25 -3.88 2.67
N SER B 41 -4.08 -4.44 2.35
CA SER B 41 -2.82 -4.23 3.09
C SER B 41 -2.33 -2.82 2.81
N PRO B 42 -1.59 -2.19 3.76
CA PRO B 42 -1.23 -0.77 3.64
C PRO B 42 -0.53 -0.51 2.30
N GLY B 43 -1.06 0.45 1.54
CA GLY B 43 -0.64 0.80 0.16
C GLY B 43 -0.36 -0.43 -0.69
N LYS B 44 -1.16 -1.51 -0.52
CA LYS B 44 -1.33 -2.58 -1.55
C LYS B 44 -2.74 -2.44 -2.13
N GLY B 45 -3.20 -3.46 -2.87
CA GLY B 45 -4.49 -3.41 -3.57
C GLY B 45 -5.61 -4.03 -2.76
N LEU B 46 -6.76 -4.19 -3.39
CA LEU B 46 -7.93 -4.89 -2.82
C LEU B 46 -7.80 -6.37 -3.15
N GLU B 47 -8.24 -7.20 -2.22
CA GLU B 47 -8.19 -8.67 -2.32
C GLU B 47 -9.52 -9.21 -1.81
N TRP B 48 -10.28 -9.82 -2.72
CA TRP B 48 -11.55 -10.50 -2.40
C TRP B 48 -11.22 -11.73 -1.57
N LEU B 49 -11.88 -11.88 -0.43
CA LEU B 49 -11.66 -13.01 0.49
C LEU B 49 -12.68 -14.10 0.19
N GLY B 50 -13.93 -13.69 -0.05
CA GLY B 50 -15.08 -14.57 -0.29
C GLY B 50 -16.40 -13.87 -0.02
N SER B 51 -17.51 -14.60 -0.16
CA SER B 51 -18.88 -14.09 0.09
C SER B 51 -19.83 -15.27 0.35
N VAL B 52 -21.03 -14.96 0.85
CA VAL B 52 -22.08 -15.95 1.23
C VAL B 52 -23.47 -15.37 0.86
N ILE B 53 -24.40 -16.25 0.47
CA ILE B 53 -25.84 -15.89 0.32
C ILE B 53 -26.65 -16.72 1.35
N HIS B 54 -27.87 -16.26 1.64
CA HIS B 54 -28.80 -16.80 2.68
C HIS B 54 -29.14 -18.29 2.45
N THR B 55 -28.89 -18.81 1.24
CA THR B 55 -29.13 -20.24 0.86
C THR B 55 -27.97 -21.10 1.35
N GLY B 56 -26.90 -20.47 1.84
CA GLY B 56 -25.74 -21.16 2.45
C GLY B 56 -24.61 -21.32 1.46
N THR B 57 -24.85 -21.03 0.17
CA THR B 57 -23.77 -21.01 -0.86
C THR B 57 -22.70 -19.99 -0.46
N THR B 58 -21.43 -20.38 -0.60
CA THR B 58 -20.22 -19.67 -0.09
C THR B 58 -19.10 -19.80 -1.12
N TYR B 59 -18.56 -18.66 -1.59
CA TYR B 59 -17.38 -18.57 -2.51
C TYR B 59 -16.18 -18.01 -1.74
N TYR B 60 -14.97 -18.48 -2.06
CA TYR B 60 -13.72 -18.12 -1.37
C TYR B 60 -12.56 -17.93 -2.36
N ARG B 61 -11.65 -17.01 -2.03
CA ARG B 61 -10.29 -16.97 -2.61
C ARG B 61 -9.70 -18.39 -2.51
N PRO B 62 -9.32 -19.06 -3.62
CA PRO B 62 -8.83 -20.43 -3.56
C PRO B 62 -7.61 -20.64 -2.65
N SER B 63 -6.57 -19.81 -2.78
CA SER B 63 -5.29 -19.87 -2.01
C SER B 63 -5.53 -19.70 -0.50
N LEU B 64 -6.65 -19.09 -0.05
CA LEU B 64 -7.01 -18.91 1.39
C LEU B 64 -8.20 -19.80 1.78
N GLU B 65 -8.85 -20.44 0.80
CA GLU B 65 -10.11 -21.21 0.99
C GLU B 65 -10.07 -22.09 2.24
N SER B 66 -8.98 -22.84 2.49
CA SER B 66 -8.88 -23.79 3.62
C SER B 66 -8.73 -23.08 4.98
N ARG B 67 -8.42 -21.78 5.04
CA ARG B 67 -8.29 -21.01 6.32
C ARG B 67 -9.49 -20.08 6.55
N LEU B 68 -10.48 -20.08 5.65
CA LEU B 68 -11.50 -19.00 5.53
C LEU B 68 -12.90 -19.55 5.83
N THR B 69 -13.66 -18.88 6.71
CA THR B 69 -15.08 -19.21 7.06
C THR B 69 -15.92 -17.94 7.07
N ILE B 70 -16.74 -17.76 6.03
CA ILE B 70 -17.67 -16.59 5.90
C ILE B 70 -19.10 -17.11 6.09
N ALA B 71 -19.74 -16.68 7.19
CA ALA B 71 -21.10 -17.11 7.63
C ALA B 71 -21.95 -15.86 7.86
N MET B 72 -23.27 -16.00 7.71
CA MET B 72 -24.28 -14.93 7.87
C MET B 72 -25.46 -15.47 8.66
N ASP B 73 -25.99 -14.71 9.62
CA ASP B 73 -27.29 -14.97 10.29
C ASP B 73 -28.25 -13.83 9.97
N PRO B 74 -29.26 -14.04 9.09
CA PRO B 74 -30.20 -12.97 8.72
C PRO B 74 -30.93 -12.38 9.93
N SER B 75 -31.28 -13.21 10.91
CA SER B 75 -32.10 -12.84 12.10
C SER B 75 -31.34 -11.81 12.96
N LYS B 76 -30.01 -11.90 12.99
CA LYS B 76 -29.16 -10.95 13.76
C LYS B 76 -28.73 -9.79 12.87
N ASN B 77 -29.08 -9.82 11.57
CA ASN B 77 -28.58 -8.85 10.55
C ASN B 77 -27.04 -8.75 10.67
N GLN B 78 -26.37 -9.90 10.77
CA GLN B 78 -24.90 -9.99 10.94
C GLN B 78 -24.32 -10.94 9.90
N VAL B 79 -23.08 -10.65 9.52
CA VAL B 79 -22.22 -11.53 8.68
C VAL B 79 -20.86 -11.58 9.38
N SER B 80 -20.32 -12.78 9.53
CA SER B 80 -19.08 -13.09 10.29
C SER B 80 -17.96 -13.41 9.30
N LEU B 81 -16.72 -13.19 9.72
CA LEU B 81 -15.52 -13.70 9.04
C LEU B 81 -14.64 -14.37 10.10
N SER B 82 -14.18 -15.57 9.80
CA SER B 82 -13.18 -16.33 10.60
C SER B 82 -12.00 -16.66 9.68
N LEU B 83 -10.80 -16.31 10.10
CA LEU B 83 -9.54 -16.59 9.35
C LEU B 83 -8.56 -17.20 10.36
N THR B 84 -8.28 -18.49 10.21
CA THR B 84 -7.48 -19.28 11.18
C THR B 84 -6.00 -19.14 10.81
N SER B 85 -5.12 -19.51 11.73
CA SER B 85 -3.65 -19.59 11.51
C SER B 85 -3.16 -18.28 10.90
N VAL B 86 -3.46 -17.14 11.52
CA VAL B 86 -3.09 -15.81 10.98
C VAL B 86 -1.57 -15.70 11.02
N THR B 87 -1.00 -15.00 10.04
CA THR B 87 0.44 -14.64 10.01
C THR B 87 0.52 -13.11 9.85
N VAL B 88 1.74 -12.58 10.01
CA VAL B 88 2.05 -11.13 9.85
C VAL B 88 1.52 -10.63 8.49
N ALA B 89 1.38 -11.50 7.50
CA ALA B 89 0.85 -11.19 6.15
C ALA B 89 -0.63 -10.74 6.20
N ASP B 90 -1.36 -11.00 7.28
CA ASP B 90 -2.83 -10.75 7.35
C ASP B 90 -3.17 -9.37 7.93
N SER B 91 -2.18 -8.55 8.24
CA SER B 91 -2.39 -7.14 8.65
C SER B 91 -3.10 -6.45 7.49
N ALA B 92 -4.26 -5.83 7.71
CA ALA B 92 -5.05 -5.22 6.62
C ALA B 92 -6.19 -4.39 7.20
N MET B 93 -6.69 -3.49 6.38
CA MET B 93 -8.07 -2.98 6.54
C MET B 93 -9.00 -4.07 6.00
N TYR B 94 -10.00 -4.47 6.78
CA TYR B 94 -11.04 -5.46 6.39
C TYR B 94 -12.36 -4.71 6.18
N TYR B 95 -12.99 -4.92 5.02
CA TYR B 95 -14.26 -4.28 4.66
C TYR B 95 -15.33 -5.34 4.44
N CYS B 96 -16.50 -5.10 5.03
CA CYS B 96 -17.79 -5.78 4.77
C CYS B 96 -18.38 -5.20 3.48
N VAL B 97 -18.94 -6.02 2.57
CA VAL B 97 -19.58 -5.53 1.32
C VAL B 97 -20.91 -6.24 1.10
N ARG B 98 -21.87 -5.52 0.55
CA ARG B 98 -23.08 -6.10 -0.10
C ARG B 98 -22.79 -6.29 -1.59
N ILE B 99 -23.05 -7.48 -2.12
CA ILE B 99 -22.68 -7.88 -3.50
C ILE B 99 -23.91 -8.34 -4.29
N ARG B 100 -24.14 -7.76 -5.47
CA ARG B 100 -25.07 -8.33 -6.48
C ARG B 100 -24.32 -9.45 -7.18
N GLY B 101 -24.91 -10.65 -7.20
CA GLY B 101 -24.26 -11.87 -7.72
C GLY B 101 -24.52 -12.08 -9.19
N GLY B 102 -24.79 -13.32 -9.57
CA GLY B 102 -24.87 -13.76 -10.97
C GLY B 102 -23.64 -13.33 -11.75
N SER B 103 -23.87 -12.76 -12.93
CA SER B 103 -22.82 -12.32 -13.89
C SER B 103 -22.29 -10.94 -13.50
N SER B 104 -23.07 -10.18 -12.73
CA SER B 104 -22.84 -8.74 -12.38
C SER B 104 -21.59 -8.61 -11.51
N ASN B 105 -21.64 -9.08 -10.26
CA ASN B 105 -20.50 -8.99 -9.30
C ASN B 105 -20.12 -7.51 -9.16
N TRP B 106 -21.04 -6.71 -8.61
CA TRP B 106 -20.76 -5.35 -8.11
C TRP B 106 -20.97 -5.33 -6.60
N LEU B 107 -20.20 -4.45 -5.95
CA LEU B 107 -20.04 -4.30 -4.49
C LEU B 107 -20.54 -2.90 -4.11
N ASP B 108 -21.68 -2.82 -3.43
CA ASP B 108 -22.25 -1.52 -3.00
C ASP B 108 -23.37 -1.80 -2.00
N PRO B 109 -23.34 -1.23 -0.78
CA PRO B 109 -22.23 -0.38 -0.34
C PRO B 109 -21.09 -1.16 0.35
N TRP B 110 -20.10 -0.40 0.83
CA TRP B 110 -18.95 -0.86 1.65
C TRP B 110 -19.13 -0.31 3.07
N GLY B 111 -18.61 -1.04 4.06
CA GLY B 111 -18.47 -0.54 5.44
C GLY B 111 -17.28 0.42 5.52
N PRO B 112 -17.14 1.22 6.60
CA PRO B 112 -16.01 2.15 6.72
C PRO B 112 -14.67 1.42 6.78
N GLY B 113 -14.70 0.17 7.27
CA GLY B 113 -13.54 -0.73 7.37
C GLY B 113 -13.03 -0.81 8.79
N ILE B 114 -12.24 -1.84 9.11
CA ILE B 114 -11.57 -1.96 10.43
C ILE B 114 -10.13 -2.39 10.21
N VAL B 115 -9.20 -1.67 10.84
CA VAL B 115 -7.73 -1.89 10.82
C VAL B 115 -7.49 -3.14 11.65
N VAL B 116 -6.76 -4.10 11.09
CA VAL B 116 -6.31 -5.29 11.86
C VAL B 116 -4.80 -5.42 11.68
N THR B 117 -4.11 -5.41 12.81
CA THR B 117 -2.65 -5.59 12.89
C THR B 117 -2.40 -7.02 13.37
N ALA B 118 -1.59 -7.76 12.64
CA ALA B 118 -1.15 -9.13 12.99
C ALA B 118 0.32 -9.06 13.43
N SER B 119 0.56 -9.11 14.75
CA SER B 119 1.91 -9.09 15.35
C SER B 119 1.90 -9.78 16.72
N SER B 120 3.05 -10.38 17.09
CA SER B 120 3.36 -11.03 18.41
C SER B 120 3.95 -10.01 19.38
N ALA B 121 4.41 -8.88 18.86
CA ALA B 121 5.11 -7.82 19.63
C ALA B 121 4.33 -7.40 20.88
N LYS B 122 5.02 -7.38 22.01
CA LYS B 122 4.66 -6.52 23.17
C LYS B 122 5.23 -5.14 22.89
N THR B 123 4.86 -4.12 23.67
CA THR B 123 5.48 -2.76 23.62
C THR B 123 7.00 -2.89 23.46
N THR B 124 7.60 -2.21 22.48
CA THR B 124 9.02 -2.39 22.10
C THR B 124 9.58 -1.04 21.65
N PRO B 125 10.68 -0.55 22.28
CA PRO B 125 11.31 0.69 21.87
C PRO B 125 12.10 0.45 20.60
N PRO B 126 12.29 1.47 19.74
CA PRO B 126 13.05 1.28 18.51
C PRO B 126 14.55 1.23 18.72
N SER B 127 15.27 0.61 17.81
CA SER B 127 16.73 0.81 17.58
C SER B 127 16.88 1.94 16.58
N VAL B 128 17.82 2.84 16.80
CA VAL B 128 18.01 4.06 15.98
C VAL B 128 19.41 3.98 15.39
N TYR B 129 19.51 3.96 14.07
CA TYR B 129 20.81 3.82 13.38
C TYR B 129 21.07 5.07 12.55
N PRO B 130 22.30 5.63 12.64
CA PRO B 130 22.65 6.82 11.87
C PRO B 130 22.81 6.47 10.39
N LEU B 131 22.34 7.37 9.54
CA LEU B 131 22.54 7.35 8.07
C LEU B 131 23.49 8.51 7.75
N ALA B 132 24.77 8.20 7.57
CA ALA B 132 25.78 9.10 7.00
C ALA B 132 25.99 8.72 5.54
N PRO B 133 26.32 9.67 4.64
CA PRO B 133 26.66 9.34 3.26
C PRO B 133 27.86 8.38 3.22
N GLY B 134 27.85 7.44 2.28
CA GLY B 134 28.94 6.47 2.12
C GLY B 134 30.08 7.07 1.34
N CYS B 135 31.13 6.28 1.08
CA CYS B 135 32.07 6.51 -0.05
C CYS B 135 31.21 6.92 -1.26
N GLY B 136 31.47 8.09 -1.85
CA GLY B 136 30.62 8.71 -2.87
C GLY B 136 31.07 10.10 -3.24
N ASP B 137 30.16 11.08 -3.20
CA ASP B 137 30.40 12.47 -3.70
C ASP B 137 30.65 13.43 -2.52
N THR B 138 31.93 13.62 -2.16
CA THR B 138 32.45 14.57 -1.13
C THR B 138 32.81 15.91 -1.80
N THR B 139 32.06 16.34 -2.83
CA THR B 139 32.27 17.66 -3.52
C THR B 139 30.94 18.42 -3.67
N GLY B 140 29.81 17.88 -3.17
CA GLY B 140 28.49 18.55 -3.17
C GLY B 140 28.43 19.77 -2.25
N SER B 141 27.44 20.65 -2.47
CA SER B 141 27.20 21.89 -1.68
C SER B 141 26.25 21.60 -0.51
N SER B 142 25.32 20.67 -0.74
CA SER B 142 24.37 20.15 0.27
C SER B 142 24.77 18.74 0.70
N VAL B 143 24.49 18.35 1.95
CA VAL B 143 24.68 16.93 2.40
C VAL B 143 23.44 16.49 3.18
N THR B 144 22.98 15.26 2.96
CA THR B 144 21.76 14.68 3.56
C THR B 144 22.14 13.58 4.54
N LEU B 145 21.67 13.69 5.77
CA LEU B 145 21.92 12.72 6.87
C LEU B 145 20.57 12.12 7.26
N GLY B 146 20.56 11.06 8.05
CA GLY B 146 19.31 10.35 8.35
C GLY B 146 19.40 9.51 9.61
N CYS B 147 18.23 9.07 10.07
CA CYS B 147 18.00 8.14 11.20
C CYS B 147 17.10 7.04 10.71
N LEU B 148 17.52 5.80 10.90
CA LEU B 148 16.65 4.61 10.62
C LEU B 148 16.11 4.17 11.96
N VAL B 149 14.79 4.15 12.08
CA VAL B 149 14.06 3.93 13.36
C VAL B 149 13.32 2.60 13.20
N LYS B 150 13.95 1.53 13.70
CA LYS B 150 13.67 0.11 13.36
C LYS B 150 13.16 -0.65 14.59
N GLY B 151 12.10 -1.43 14.38
CA GLY B 151 11.72 -2.54 15.27
C GLY B 151 10.94 -2.07 16.49
N TYR B 152 10.08 -1.07 16.36
CA TYR B 152 9.25 -0.58 17.48
C TYR B 152 7.81 -1.07 17.36
N PHE B 153 7.12 -1.03 18.49
CA PHE B 153 5.69 -1.39 18.63
C PHE B 153 5.18 -0.81 19.94
N PRO B 154 3.99 -0.17 19.95
CA PRO B 154 3.23 0.09 18.72
C PRO B 154 3.66 1.44 18.12
N GLU B 155 2.86 1.99 17.20
CA GLU B 155 2.99 3.41 16.75
C GLU B 155 2.58 4.31 17.91
N SER B 156 3.02 5.58 17.88
CA SER B 156 3.94 6.11 16.90
C SER B 156 5.21 6.65 17.59
N VAL B 157 6.13 7.19 16.78
CA VAL B 157 7.40 7.84 17.19
C VAL B 157 7.39 9.27 16.66
N THR B 158 8.17 10.15 17.29
CA THR B 158 8.46 11.52 16.83
C THR B 158 9.97 11.61 16.60
N VAL B 159 10.42 12.13 15.46
CA VAL B 159 11.85 12.42 15.18
C VAL B 159 12.02 13.93 15.11
N THR B 160 12.84 14.47 16.00
CA THR B 160 13.29 15.87 16.09
C THR B 160 14.76 15.90 15.66
N TRP B 161 15.18 16.88 14.85
CA TRP B 161 16.60 17.08 14.46
C TRP B 161 17.16 18.35 15.10
N ASN B 162 18.33 18.27 15.76
CA ASN B 162 19.04 19.43 16.34
C ASN B 162 18.12 20.18 17.33
N SER B 163 17.22 19.46 18.01
CA SER B 163 16.17 20.02 18.92
C SER B 163 15.24 21.01 18.19
N GLY B 164 14.86 20.73 16.93
CA GLY B 164 14.15 21.66 16.03
C GLY B 164 15.01 22.85 15.68
N SER B 169 15.29 21.47 6.29
CA SER B 169 14.90 20.51 5.23
C SER B 169 14.79 19.09 5.83
N VAL B 170 13.78 18.84 6.65
CA VAL B 170 13.51 17.50 7.25
C VAL B 170 12.51 16.80 6.34
N HIS B 171 12.74 15.53 6.06
CA HIS B 171 11.76 14.63 5.40
C HIS B 171 11.47 13.51 6.39
N THR B 172 10.21 13.28 6.75
CA THR B 172 9.81 12.25 7.73
C THR B 172 8.98 11.23 6.96
N PHE B 173 9.58 10.06 6.67
CA PHE B 173 8.95 8.98 5.86
C PHE B 173 7.99 8.22 6.77
N PRO B 174 6.86 7.69 6.24
CA PRO B 174 5.90 6.98 7.07
C PRO B 174 6.36 5.55 7.39
N ALA B 175 5.83 5.01 8.48
CA ALA B 175 6.15 3.68 9.03
C ALA B 175 5.73 2.55 8.09
N LEU B 176 6.42 1.42 8.15
CA LEU B 176 6.10 0.13 7.50
C LEU B 176 5.99 -0.94 8.57
N LEU B 177 5.10 -1.88 8.38
CA LEU B 177 5.03 -3.15 9.15
C LEU B 177 5.96 -4.15 8.47
N GLN B 178 7.15 -4.38 9.06
CA GLN B 178 8.16 -5.41 8.69
C GLN B 178 8.08 -6.47 9.79
N SER B 179 7.83 -7.73 9.39
CA SER B 179 7.37 -8.89 10.22
C SER B 179 7.12 -8.51 11.69
N GLY B 180 6.01 -7.81 11.95
CA GLY B 180 5.41 -7.64 13.31
C GLY B 180 5.78 -6.32 13.97
N LEU B 181 6.81 -5.63 13.45
CA LEU B 181 7.33 -4.37 14.05
C LEU B 181 7.32 -3.22 13.01
N TYR B 182 7.24 -1.99 13.50
CA TYR B 182 7.26 -0.75 12.69
C TYR B 182 8.72 -0.32 12.48
N THR B 183 9.02 0.08 11.25
CA THR B 183 10.26 0.75 10.81
C THR B 183 9.85 2.03 10.08
N MET B 184 10.49 3.17 10.35
CA MET B 184 10.36 4.43 9.59
C MET B 184 11.75 5.02 9.51
N SER B 185 11.92 6.07 8.72
CA SER B 185 13.18 6.84 8.67
C SER B 185 12.83 8.32 8.59
N SER B 186 13.82 9.16 8.90
CA SER B 186 13.78 10.62 8.71
C SER B 186 15.12 11.04 8.11
N SER B 187 15.13 12.05 7.22
CA SER B 187 16.37 12.70 6.73
C SER B 187 16.35 14.21 7.00
N VAL B 188 17.54 14.78 7.05
CA VAL B 188 17.81 16.24 7.09
C VAL B 188 18.89 16.54 6.05
N THR B 189 18.64 17.58 5.25
CA THR B 189 19.61 18.17 4.31
C THR B 189 20.11 19.50 4.88
N VAL B 190 21.43 19.62 5.05
CA VAL B 190 22.12 20.82 5.61
C VAL B 190 23.17 21.26 4.62
N PRO B 191 23.76 22.46 4.80
CA PRO B 191 24.91 22.88 3.98
C PRO B 191 26.17 22.09 4.34
N SER B 192 26.81 21.57 3.30
CA SER B 192 27.98 20.68 3.34
C SER B 192 29.07 21.25 4.28
N SER B 193 29.24 22.59 4.33
CA SER B 193 30.28 23.28 5.14
C SER B 193 30.00 23.17 6.65
N THR B 194 28.77 22.84 7.05
CA THR B 194 28.33 22.76 8.48
C THR B 194 28.26 21.31 8.98
N TRP B 195 28.75 20.34 8.19
CA TRP B 195 28.86 18.92 8.64
C TRP B 195 29.95 18.19 7.85
N PRO B 196 30.83 17.42 8.52
CA PRO B 196 30.73 17.11 9.96
C PRO B 196 31.21 18.14 11.00
N SER B 197 31.72 19.31 10.57
CA SER B 197 32.22 20.41 11.46
C SER B 197 31.26 20.60 12.65
N GLN B 198 29.99 20.99 12.46
CA GLN B 198 28.99 21.09 13.57
C GLN B 198 28.31 19.73 13.81
N THR B 199 27.83 19.52 15.04
CA THR B 199 27.04 18.35 15.48
C THR B 199 25.68 18.30 14.78
N VAL B 200 25.27 17.15 14.26
CA VAL B 200 23.88 16.92 13.80
C VAL B 200 23.37 15.70 14.57
N THR B 201 22.26 15.87 15.30
CA THR B 201 21.69 14.82 16.18
C THR B 201 20.21 14.65 15.86
N CYS B 202 19.78 13.42 15.63
CA CYS B 202 18.33 13.07 15.59
C CYS B 202 17.94 12.53 16.96
N SER B 203 16.84 13.06 17.49
CA SER B 203 16.19 12.70 18.78
C SER B 203 14.89 11.94 18.47
N VAL B 204 14.77 10.70 18.94
CA VAL B 204 13.63 9.81 18.62
C VAL B 204 12.89 9.46 19.90
N ALA B 205 11.66 9.99 20.05
CA ALA B 205 10.78 9.72 21.21
C ALA B 205 9.78 8.62 20.81
N HIS B 206 9.62 7.61 21.67
CA HIS B 206 8.58 6.54 21.57
C HIS B 206 7.78 6.54 22.86
N PRO B 207 6.66 7.30 22.95
CA PRO B 207 5.93 7.43 24.22
C PRO B 207 5.44 6.10 24.84
N ALA B 208 5.04 5.11 24.05
CA ALA B 208 4.48 3.84 24.60
C ALA B 208 5.52 3.15 25.50
N SER B 209 6.83 3.28 25.22
CA SER B 209 7.93 2.60 25.96
C SER B 209 8.68 3.59 26.84
N SER B 210 8.28 4.87 26.81
CA SER B 210 8.80 6.00 27.61
C SER B 210 10.27 6.26 27.29
N THR B 211 10.66 6.06 26.04
CA THR B 211 12.06 5.98 25.60
C THR B 211 12.36 7.15 24.66
N THR B 212 13.48 7.82 24.86
CA THR B 212 14.06 8.82 23.93
C THR B 212 15.48 8.37 23.57
N VAL B 213 15.82 8.39 22.27
CA VAL B 213 17.18 8.00 21.77
C VAL B 213 17.74 9.20 21.00
N ASP B 214 18.92 9.68 21.38
CA ASP B 214 19.61 10.86 20.76
C ASP B 214 20.85 10.34 20.01
N LYS B 215 20.79 10.19 18.68
CA LYS B 215 21.94 9.76 17.84
C LYS B 215 22.64 10.95 17.17
N LYS B 216 23.88 11.24 17.57
CA LYS B 216 24.81 12.05 16.76
C LYS B 216 25.09 11.32 15.43
N ILE B 217 25.11 12.04 14.32
CA ILE B 217 25.55 11.44 13.02
C ILE B 217 27.04 11.71 12.88
N GLU B 218 27.86 10.65 12.87
CA GLU B 218 29.33 10.71 12.68
C GLU B 218 29.64 10.39 11.23
N PRO B 219 30.71 10.97 10.64
CA PRO B 219 31.16 10.60 9.29
C PRO B 219 31.74 9.17 9.29
N ARG B 220 31.86 8.55 8.11
CA ARG B 220 32.47 7.20 7.93
C ARG B 220 33.95 7.34 7.59
N PRO B 221 34.86 6.49 8.13
CA PRO B 221 36.28 6.57 7.79
C PRO B 221 36.54 5.98 6.39
N GLN C 1 -6.08 -13.99 -15.11
CA GLN C 1 -4.95 -13.62 -14.18
C GLN C 1 -5.54 -13.44 -12.78
N SER C 2 -4.71 -13.47 -11.72
CA SER C 2 -5.16 -13.40 -10.30
C SER C 2 -5.37 -11.93 -9.89
N VAL C 3 -4.62 -11.03 -10.52
CA VAL C 3 -4.80 -9.56 -10.45
C VAL C 3 -4.92 -9.04 -11.89
N TRP C 4 -5.98 -8.29 -12.24
CA TRP C 4 -6.06 -7.58 -13.53
C TRP C 4 -4.95 -6.53 -13.60
N THR C 5 -4.47 -6.24 -14.80
CA THR C 5 -3.44 -5.22 -15.12
C THR C 5 -4.11 -3.86 -15.39
N GLN C 6 -3.67 -2.86 -14.66
CA GLN C 6 -4.06 -1.43 -14.82
C GLN C 6 -2.74 -0.66 -14.82
N PRO C 7 -2.64 0.51 -15.48
CA PRO C 7 -1.47 1.36 -15.30
C PRO C 7 -1.45 1.91 -13.87
N PRO C 8 -0.27 1.97 -13.22
CA PRO C 8 -0.19 2.51 -11.86
C PRO C 8 -0.52 4.01 -11.78
N SER C 9 -0.29 4.78 -12.84
CA SER C 9 -0.39 6.27 -12.84
C SER C 9 -1.12 6.74 -14.10
N VAL C 10 -2.15 7.56 -13.93
CA VAL C 10 -2.76 8.39 -15.01
C VAL C 10 -3.07 9.77 -14.43
N SER C 11 -2.86 10.81 -15.25
CA SER C 11 -2.74 12.21 -14.80
C SER C 11 -3.10 13.13 -15.96
N ALA C 12 -3.77 14.25 -15.65
CA ALA C 12 -4.24 15.27 -16.61
C ALA C 12 -4.68 16.50 -15.84
N ALA C 13 -4.60 17.68 -16.50
CA ALA C 13 -5.05 18.98 -15.99
C ALA C 13 -6.56 18.92 -15.78
N PRO C 14 -7.12 19.78 -14.89
CA PRO C 14 -8.56 19.90 -14.75
C PRO C 14 -9.19 20.26 -16.09
N GLY C 15 -10.28 19.58 -16.48
CA GLY C 15 -11.01 19.81 -17.74
C GLY C 15 -10.65 18.80 -18.83
N GLN C 16 -9.49 18.14 -18.74
CA GLN C 16 -9.03 17.14 -19.75
C GLN C 16 -9.86 15.85 -19.60
N ASN C 17 -9.79 14.97 -20.59
CA ASN C 17 -10.41 13.62 -20.58
C ASN C 17 -9.33 12.60 -20.23
N VAL C 18 -9.63 11.57 -19.42
CA VAL C 18 -8.64 10.49 -19.15
C VAL C 18 -9.30 9.11 -19.29
N THR C 19 -8.47 8.13 -19.60
CA THR C 19 -8.83 6.70 -19.78
C THR C 19 -7.97 5.84 -18.86
N ILE C 20 -8.61 4.94 -18.13
CA ILE C 20 -7.91 3.99 -17.23
C ILE C 20 -8.20 2.61 -17.81
N SER C 21 -7.17 1.86 -18.22
CA SER C 21 -7.30 0.51 -18.83
C SER C 21 -7.29 -0.57 -17.75
N CYS C 22 -7.94 -1.69 -18.04
CA CYS C 22 -8.03 -2.93 -17.21
C CYS C 22 -7.83 -4.14 -18.14
N SER C 23 -6.72 -4.88 -17.98
CA SER C 23 -6.35 -6.07 -18.80
C SER C 23 -6.27 -7.33 -17.92
N ASP C 26 -6.95 -13.19 -21.75
CA ASP C 26 -7.15 -13.31 -23.23
C ASP C 26 -8.17 -12.23 -23.62
N SER C 27 -9.44 -12.65 -23.74
CA SER C 27 -10.70 -11.86 -23.84
C SER C 27 -11.64 -12.31 -22.72
N ILE C 28 -11.06 -12.81 -21.63
CA ILE C 28 -11.75 -13.34 -20.41
C ILE C 28 -12.52 -12.18 -19.72
N LEU C 29 -12.08 -10.92 -19.89
CA LEU C 29 -12.83 -9.74 -19.39
C LEU C 29 -14.19 -9.63 -20.10
N ARG C 30 -14.22 -9.74 -21.43
CA ARG C 30 -15.49 -9.63 -22.21
C ARG C 30 -16.50 -10.65 -21.67
N SER C 31 -16.00 -11.71 -21.03
CA SER C 31 -16.81 -12.84 -20.51
C SER C 31 -17.61 -12.47 -19.25
N ALA C 32 -17.20 -11.44 -18.50
CA ALA C 32 -17.85 -11.01 -17.23
C ALA C 32 -18.17 -9.50 -17.25
N PHE C 33 -19.08 -9.07 -16.37
CA PHE C 33 -19.40 -7.63 -16.14
C PHE C 33 -18.27 -7.01 -15.31
N VAL C 34 -17.64 -5.95 -15.84
CA VAL C 34 -16.54 -5.23 -15.15
C VAL C 34 -17.17 -4.15 -14.25
N SER C 35 -16.68 -4.05 -13.01
CA SER C 35 -17.02 -2.93 -12.10
C SER C 35 -15.73 -2.18 -11.72
N TRP C 36 -15.91 -0.91 -11.38
CA TRP C 36 -14.88 0.13 -11.11
C TRP C 36 -15.21 0.79 -9.78
N TYR C 37 -14.18 1.03 -8.98
CA TYR C 37 -14.27 1.55 -7.59
C TYR C 37 -13.27 2.70 -7.46
N GLN C 38 -13.75 3.82 -6.91
CA GLN C 38 -12.96 5.01 -6.51
C GLN C 38 -12.67 4.93 -5.01
N GLN C 39 -11.42 5.11 -4.63
CA GLN C 39 -10.98 5.19 -3.22
C GLN C 39 -10.12 6.44 -3.05
N VAL C 40 -10.55 7.34 -2.16
CA VAL C 40 -9.72 8.47 -1.62
C VAL C 40 -9.13 7.98 -0.30
N PRO C 41 -7.88 8.35 0.05
CA PRO C 41 -7.27 7.98 1.34
C PRO C 41 -8.17 8.16 2.58
N GLY C 42 -8.20 7.18 3.47
CA GLY C 42 -9.02 7.18 4.70
C GLY C 42 -10.52 7.09 4.43
N SER C 43 -10.98 6.61 3.25
CA SER C 43 -12.39 6.14 3.07
C SER C 43 -12.43 4.81 2.30
N ALA C 44 -13.55 4.09 2.43
CA ALA C 44 -13.78 2.79 1.78
C ALA C 44 -13.94 3.03 0.29
N PRO C 45 -13.65 2.03 -0.57
CA PRO C 45 -13.96 2.14 -1.98
C PRO C 45 -15.46 2.37 -2.19
N LYS C 46 -15.76 3.15 -3.22
CA LYS C 46 -17.13 3.50 -3.64
C LYS C 46 -17.31 2.97 -5.07
N LEU C 47 -18.43 2.30 -5.31
CA LEU C 47 -18.80 1.81 -6.66
C LEU C 47 -19.08 3.02 -7.55
N VAL C 48 -18.55 3.00 -8.75
CA VAL C 48 -18.59 4.16 -9.69
C VAL C 48 -19.10 3.71 -11.07
N ILE C 49 -18.94 2.43 -11.40
CA ILE C 49 -19.43 1.79 -12.66
C ILE C 49 -19.69 0.31 -12.37
N PHE C 50 -20.86 -0.18 -12.78
CA PHE C 50 -21.26 -1.61 -12.69
C PHE C 50 -21.70 -2.08 -14.09
N ASP C 51 -21.83 -3.39 -14.24
CA ASP C 51 -22.25 -4.05 -15.50
C ASP C 51 -21.60 -3.31 -16.68
N ASP C 52 -20.28 -3.14 -16.65
CA ASP C 52 -19.42 -2.64 -17.78
C ASP C 52 -19.54 -1.12 -17.98
N ARG C 53 -20.76 -0.55 -17.90
CA ARG C 53 -21.22 0.71 -18.56
C ARG C 53 -22.08 1.61 -17.66
N GLN C 54 -22.79 1.01 -16.70
CA GLN C 54 -23.90 1.65 -15.95
C GLN C 54 -23.32 2.42 -14.77
N ARG C 55 -23.99 3.52 -14.39
CA ARG C 55 -23.62 4.38 -13.26
C ARG C 55 -24.64 4.21 -12.15
N PRO C 56 -24.27 3.87 -10.90
CA PRO C 56 -25.20 3.97 -9.78
C PRO C 56 -25.62 5.44 -9.61
N SER C 57 -26.52 5.70 -8.65
CA SER C 57 -27.06 7.04 -8.34
C SER C 57 -25.96 7.95 -7.81
N GLY C 58 -25.96 9.22 -8.24
CA GLY C 58 -25.00 10.27 -7.81
C GLY C 58 -23.74 10.31 -8.66
N ILE C 59 -23.61 9.46 -9.67
CA ILE C 59 -22.36 9.38 -10.48
C ILE C 59 -22.64 10.05 -11.82
N PRO C 60 -22.05 11.22 -12.11
CA PRO C 60 -22.46 12.02 -13.27
C PRO C 60 -22.07 11.36 -14.60
N ALA C 61 -22.60 11.91 -15.69
CA ALA C 61 -22.58 11.30 -17.04
C ALA C 61 -21.15 11.28 -17.61
N ARG C 62 -20.27 12.16 -17.13
CA ARG C 62 -18.86 12.26 -17.61
C ARG C 62 -18.01 11.07 -17.12
N PHE C 63 -18.58 10.21 -16.28
CA PHE C 63 -18.04 8.86 -15.96
C PHE C 63 -18.73 7.83 -16.86
N SER C 64 -17.96 7.07 -17.64
CA SER C 64 -18.44 5.91 -18.44
C SER C 64 -17.38 4.79 -18.50
N GLY C 65 -17.84 3.61 -18.91
CA GLY C 65 -17.03 2.38 -19.02
C GLY C 65 -17.40 1.60 -20.27
N SER C 66 -16.38 1.00 -20.88
CA SER C 66 -16.52 0.01 -21.97
C SER C 66 -15.80 -1.27 -21.53
N ASN C 67 -16.24 -2.40 -22.08
CA ASN C 67 -15.64 -3.74 -21.94
C ASN C 67 -15.68 -4.44 -23.30
N SER C 68 -14.75 -4.09 -24.19
CA SER C 68 -14.40 -4.91 -25.38
C SER C 68 -13.43 -6.00 -24.90
N GLY C 69 -13.09 -6.96 -25.77
CA GLY C 69 -12.36 -8.18 -25.41
C GLY C 69 -11.26 -7.96 -24.40
N THR C 70 -10.19 -7.29 -24.83
CA THR C 70 -8.82 -7.35 -24.24
C THR C 70 -8.67 -6.28 -23.16
N THR C 71 -9.32 -5.14 -23.31
CA THR C 71 -9.15 -3.95 -22.42
C THR C 71 -10.52 -3.37 -22.10
N ALA C 72 -10.95 -3.47 -20.83
CA ALA C 72 -12.10 -2.71 -20.27
C ALA C 72 -11.59 -1.33 -19.86
N THR C 73 -12.31 -0.25 -20.17
CA THR C 73 -11.86 1.13 -19.83
C THR C 73 -12.82 1.76 -18.82
N LEU C 74 -12.27 2.64 -17.97
CA LEU C 74 -12.99 3.70 -17.23
C LEU C 74 -12.62 5.02 -17.89
N ASP C 75 -13.63 5.76 -18.32
CA ASP C 75 -13.49 7.03 -19.07
C ASP C 75 -14.10 8.15 -18.20
N ILE C 76 -13.34 9.21 -18.00
CA ILE C 76 -13.77 10.41 -17.24
C ILE C 76 -13.51 11.61 -18.14
N ALA C 77 -14.56 12.29 -18.60
CA ALA C 77 -14.45 13.60 -19.28
C ALA C 77 -14.54 14.72 -18.22
N GLY C 78 -14.12 15.95 -18.55
CA GLY C 78 -14.22 17.12 -17.65
C GLY C 78 -13.63 16.83 -16.29
N LEU C 79 -12.39 16.36 -16.26
CA LEU C 79 -11.70 15.94 -15.02
C LEU C 79 -11.82 17.06 -13.97
N GLN C 80 -12.16 16.70 -12.72
CA GLN C 80 -12.19 17.65 -11.56
C GLN C 80 -11.27 17.16 -10.44
N ARG C 81 -10.76 18.08 -9.63
CA ARG C 81 -9.83 17.81 -8.51
C ARG C 81 -10.40 16.71 -7.61
N GLY C 82 -11.72 16.71 -7.39
CA GLY C 82 -12.40 15.74 -6.52
C GLY C 82 -12.41 14.34 -7.10
N ASP C 83 -12.04 14.19 -8.38
CA ASP C 83 -11.92 12.91 -9.09
C ASP C 83 -10.60 12.21 -8.68
N GLU C 84 -9.64 12.95 -8.10
CA GLU C 84 -8.29 12.46 -7.72
C GLU C 84 -8.44 11.33 -6.72
N ALA C 85 -7.97 10.13 -7.06
CA ALA C 85 -8.22 8.92 -6.25
C ALA C 85 -7.50 7.70 -6.84
N ASP C 86 -7.62 6.57 -6.15
CA ASP C 86 -7.26 5.24 -6.67
C ASP C 86 -8.52 4.63 -7.28
N TYR C 87 -8.37 4.14 -8.50
CA TYR C 87 -9.44 3.45 -9.25
C TYR C 87 -8.98 2.02 -9.47
N TYR C 88 -9.85 1.09 -9.12
CA TYR C 88 -9.67 -0.37 -9.26
C TYR C 88 -10.79 -0.90 -10.14
N CYS C 89 -10.43 -1.62 -11.19
CA CYS C 89 -11.41 -2.43 -11.94
C CYS C 89 -11.59 -3.73 -11.15
N ALA C 90 -12.65 -4.45 -11.42
CA ALA C 90 -12.93 -5.74 -10.77
C ALA C 90 -13.77 -6.57 -11.74
N ALA C 91 -13.63 -7.90 -11.69
CA ALA C 91 -14.36 -8.84 -12.54
C ALA C 91 -14.06 -10.28 -12.13
N TRP C 92 -15.08 -11.13 -12.22
CA TRP C 92 -14.99 -12.60 -12.07
C TRP C 92 -14.00 -13.18 -13.08
N ASN C 93 -13.16 -14.11 -12.60
CA ASN C 93 -12.26 -14.98 -13.41
C ASN C 93 -12.76 -16.42 -13.24
N GLY C 94 -13.64 -16.90 -14.14
CA GLY C 94 -14.26 -18.25 -14.08
C GLY C 94 -13.21 -19.37 -14.18
N ARG C 95 -12.05 -19.02 -14.73
CA ARG C 95 -10.81 -19.84 -14.87
C ARG C 95 -10.19 -20.12 -13.49
N LEU C 96 -10.06 -19.09 -12.64
CA LEU C 96 -9.62 -19.17 -11.22
C LEU C 96 -10.82 -19.40 -10.30
N SER C 97 -12.03 -19.25 -10.84
CA SER C 97 -13.33 -19.10 -10.13
C SER C 97 -13.13 -18.32 -8.82
N ALA C 98 -12.69 -17.07 -8.96
CA ALA C 98 -12.60 -16.07 -7.87
C ALA C 98 -13.01 -14.70 -8.43
N PHE C 99 -13.43 -13.79 -7.56
CA PHE C 99 -13.57 -12.34 -7.91
C PHE C 99 -12.19 -11.69 -7.83
N VAL C 100 -11.77 -11.12 -8.94
CA VAL C 100 -10.43 -10.49 -9.10
C VAL C 100 -10.61 -8.99 -9.24
N PHE C 101 -9.77 -8.25 -8.54
CA PHE C 101 -9.54 -6.81 -8.65
C PHE C 101 -8.34 -6.57 -9.55
N GLY C 102 -8.29 -5.41 -10.19
CA GLY C 102 -7.09 -4.88 -10.86
C GLY C 102 -6.05 -4.34 -9.88
N SER C 103 -4.88 -3.98 -10.43
CA SER C 103 -3.65 -3.53 -9.72
C SER C 103 -3.89 -2.13 -9.12
N GLY C 104 -4.90 -1.42 -9.62
CA GLY C 104 -5.24 -0.07 -9.13
C GLY C 104 -4.49 0.99 -9.91
N THR C 105 -5.15 2.09 -10.19
CA THR C 105 -4.56 3.24 -10.91
C THR C 105 -4.72 4.48 -10.03
N LYS C 106 -3.64 5.19 -9.75
CA LYS C 106 -3.76 6.52 -9.11
C LYS C 106 -4.03 7.54 -10.23
N LEU C 107 -5.20 8.18 -10.19
CA LEU C 107 -5.53 9.32 -11.07
C LEU C 107 -5.18 10.61 -10.33
N THR C 108 -4.17 11.34 -10.83
CA THR C 108 -3.71 12.64 -10.30
C THR C 108 -4.27 13.73 -11.23
N VAL C 109 -4.99 14.70 -10.66
CA VAL C 109 -5.43 15.93 -11.36
C VAL C 109 -4.33 16.97 -11.13
N LEU C 110 -3.60 17.33 -12.19
CA LEU C 110 -2.28 18.00 -12.05
C LEU C 110 -2.48 19.40 -11.48
N GLY C 111 -1.86 19.69 -10.34
CA GLY C 111 -1.90 21.04 -9.74
C GLY C 111 -0.54 21.71 -9.75
N GLN C 112 0.48 21.03 -10.25
CA GLN C 112 1.83 21.63 -10.46
C GLN C 112 2.58 20.88 -11.56
N PRO C 113 3.68 21.44 -12.09
CA PRO C 113 4.56 20.68 -12.99
C PRO C 113 5.00 19.34 -12.37
N LYS C 114 4.88 18.29 -13.19
CA LYS C 114 5.53 16.98 -13.01
C LYS C 114 6.93 17.23 -12.48
N SER C 115 7.33 16.46 -11.51
CA SER C 115 8.62 16.67 -10.82
C SER C 115 9.27 15.30 -10.63
N SER C 116 10.51 15.16 -11.07
CA SER C 116 11.27 13.89 -10.97
C SER C 116 11.70 13.70 -9.53
N PRO C 117 11.73 12.43 -9.07
CA PRO C 117 12.15 12.12 -7.71
C PRO C 117 13.63 12.42 -7.52
N SER C 118 13.95 12.84 -6.32
CA SER C 118 15.31 13.04 -5.81
C SER C 118 15.58 11.84 -4.92
N VAL C 119 16.65 11.12 -5.20
CA VAL C 119 16.91 9.80 -4.60
C VAL C 119 18.21 9.86 -3.81
N THR C 120 18.28 9.31 -2.61
CA THR C 120 19.56 9.22 -1.85
C THR C 120 19.69 7.79 -1.30
N LEU C 121 20.81 7.12 -1.58
CA LEU C 121 21.06 5.74 -1.10
C LEU C 121 22.04 5.79 0.07
N PHE C 122 21.62 5.31 1.24
CA PHE C 122 22.45 5.21 2.46
C PHE C 122 22.95 3.78 2.64
N PRO C 123 24.24 3.59 2.96
CA PRO C 123 24.74 2.27 3.32
C PRO C 123 24.31 1.98 4.75
N PRO C 124 24.40 0.71 5.19
CA PRO C 124 24.07 0.36 6.56
C PRO C 124 25.08 0.95 7.55
N SER C 125 24.64 1.29 8.76
CA SER C 125 25.49 1.75 9.90
C SER C 125 26.29 0.56 10.44
N SER C 126 27.48 0.82 10.99
CA SER C 126 28.30 -0.21 11.67
C SER C 126 27.62 -0.66 12.97
N GLU C 127 26.79 0.20 13.58
CA GLU C 127 25.98 -0.17 14.77
C GLU C 127 25.04 -1.33 14.39
N GLU C 128 24.34 -1.22 13.26
CA GLU C 128 23.38 -2.27 12.80
C GLU C 128 24.16 -3.55 12.45
N LEU C 129 25.33 -3.41 11.80
CA LEU C 129 26.15 -4.56 11.35
C LEU C 129 26.53 -5.40 12.57
N GLU C 130 26.86 -4.77 13.71
CA GLU C 130 27.14 -5.45 15.01
C GLU C 130 25.98 -6.39 15.39
N THR C 131 24.77 -6.20 14.86
CA THR C 131 23.59 -7.07 15.14
C THR C 131 23.42 -8.16 14.06
N ASN C 132 24.39 -8.29 13.14
CA ASN C 132 24.39 -9.27 12.02
C ASN C 132 23.33 -8.88 11.00
N LYS C 133 22.94 -7.61 10.99
CA LYS C 133 21.94 -7.13 10.01
C LYS C 133 22.48 -5.89 9.29
N ALA C 134 22.03 -5.73 8.05
CA ALA C 134 22.37 -4.64 7.12
C ALA C 134 21.09 -4.19 6.42
N THR C 135 20.68 -2.95 6.66
CA THR C 135 19.58 -2.29 5.94
C THR C 135 20.15 -1.18 5.08
N LEU C 136 19.99 -1.23 3.76
CA LEU C 136 20.22 -0.08 2.86
C LEU C 136 18.91 0.72 2.83
N VAL C 137 19.02 2.03 2.99
CA VAL C 137 17.84 2.93 2.97
C VAL C 137 17.92 3.82 1.73
N CYS C 138 16.87 3.77 0.92
CA CYS C 138 16.72 4.60 -0.30
C CYS C 138 15.62 5.65 -0.05
N THR C 139 16.01 6.92 0.11
CA THR C 139 15.03 8.01 0.31
C THR C 139 14.71 8.60 -1.06
N ILE C 140 13.44 8.88 -1.28
CA ILE C 140 12.84 9.35 -2.56
C ILE C 140 11.98 10.57 -2.20
N THR C 141 12.39 11.77 -2.62
CA THR C 141 11.67 13.03 -2.32
C THR C 141 11.24 13.77 -3.59
N ASP C 142 10.27 14.69 -3.46
CA ASP C 142 9.98 15.76 -4.44
C ASP C 142 9.51 15.17 -5.76
N PHE C 143 8.76 14.06 -5.73
CA PHE C 143 8.14 13.49 -6.96
C PHE C 143 6.66 13.84 -7.04
N TYR C 144 6.20 14.05 -8.27
CA TYR C 144 4.78 14.36 -8.60
C TYR C 144 4.51 14.04 -10.05
N PRO C 145 3.47 13.23 -10.38
CA PRO C 145 2.58 12.61 -9.40
C PRO C 145 3.21 11.62 -8.40
N GLY C 146 2.47 11.34 -7.32
CA GLY C 146 2.93 10.57 -6.15
C GLY C 146 2.89 9.07 -6.40
N VAL C 147 3.42 8.61 -7.54
CA VAL C 147 3.54 7.15 -7.86
C VAL C 147 4.98 6.89 -8.27
N VAL C 148 5.61 5.90 -7.63
CA VAL C 148 6.93 5.35 -8.02
C VAL C 148 6.89 3.83 -7.88
N THR C 149 7.69 3.15 -8.70
CA THR C 149 8.04 1.73 -8.55
C THR C 149 9.52 1.71 -8.15
N VAL C 150 9.86 0.89 -7.15
CA VAL C 150 11.27 0.73 -6.71
C VAL C 150 11.70 -0.70 -7.01
N ASP C 151 12.84 -0.84 -7.66
CA ASP C 151 13.57 -2.10 -7.90
C ASP C 151 14.96 -1.94 -7.28
N TRP C 152 15.58 -3.02 -6.80
CA TRP C 152 16.98 -3.03 -6.33
C TRP C 152 17.80 -4.03 -7.15
N LYS C 153 19.11 -3.75 -7.29
CA LYS C 153 20.11 -4.66 -7.90
C LYS C 153 21.29 -4.82 -6.94
N VAL C 154 21.90 -6.01 -6.92
CA VAL C 154 23.16 -6.30 -6.19
C VAL C 154 24.12 -6.93 -7.20
N ASP C 155 25.23 -6.25 -7.48
CA ASP C 155 26.29 -6.69 -8.43
C ASP C 155 25.68 -6.85 -9.83
N GLY C 156 24.70 -6.04 -10.19
CA GLY C 156 24.08 -6.01 -11.53
C GLY C 156 22.88 -6.92 -11.67
N THR C 157 22.47 -7.64 -10.60
CA THR C 157 21.40 -8.67 -10.62
C THR C 157 20.18 -8.12 -9.91
N PRO C 158 18.95 -8.20 -10.47
CA PRO C 158 17.76 -7.78 -9.75
C PRO C 158 17.60 -8.59 -8.45
N VAL C 159 17.19 -7.91 -7.38
CA VAL C 159 16.83 -8.51 -6.06
C VAL C 159 15.38 -8.95 -6.14
N THR C 160 15.05 -10.11 -5.59
CA THR C 160 13.66 -10.65 -5.65
C THR C 160 13.00 -10.59 -4.26
N GLN C 161 13.79 -10.65 -3.18
CA GLN C 161 13.29 -10.67 -1.79
C GLN C 161 14.08 -9.69 -0.88
N GLY C 162 13.56 -9.40 0.31
CA GLY C 162 14.21 -8.58 1.35
C GLY C 162 13.97 -7.08 1.16
N MET C 163 13.10 -6.69 0.23
CA MET C 163 12.83 -5.26 -0.06
C MET C 163 11.42 -4.91 0.38
N GLU C 164 11.26 -3.72 0.96
CA GLU C 164 9.96 -3.09 1.29
C GLU C 164 10.01 -1.62 0.92
N THR C 165 8.88 -1.06 0.50
CA THR C 165 8.79 0.34 0.05
C THR C 165 7.57 0.96 0.73
N THR C 166 7.70 2.16 1.29
CA THR C 166 6.54 2.85 1.94
C THR C 166 5.54 3.27 0.87
N GLN C 167 4.34 3.60 1.31
CA GLN C 167 3.34 4.31 0.48
C GLN C 167 3.83 5.75 0.39
N PRO C 168 3.61 6.45 -0.73
CA PRO C 168 3.92 7.88 -0.82
C PRO C 168 3.22 8.74 0.24
N SER C 169 3.85 9.80 0.74
CA SER C 169 3.16 10.79 1.61
C SER C 169 3.50 12.23 1.18
N LYS C 170 2.52 13.12 1.33
CA LYS C 170 2.54 14.47 0.72
C LYS C 170 3.55 15.32 1.49
N GLN C 171 4.46 16.01 0.80
CA GLN C 171 5.35 17.05 1.39
C GLN C 171 4.53 18.34 1.54
N SER C 172 5.06 19.36 2.21
CA SER C 172 4.34 20.64 2.37
C SER C 172 4.27 21.37 1.00
N ASN C 173 5.11 21.00 0.01
CA ASN C 173 5.08 21.61 -1.35
C ASN C 173 4.12 20.79 -2.23
N ASN C 174 3.41 19.82 -1.69
CA ASN C 174 2.37 19.00 -2.38
C ASN C 174 3.01 18.01 -3.37
N LYS C 175 4.33 17.86 -3.37
CA LYS C 175 4.97 16.69 -4.01
C LYS C 175 4.96 15.56 -2.98
N TYR C 176 5.55 14.43 -3.34
CA TYR C 176 5.44 13.19 -2.54
C TYR C 176 6.83 12.68 -2.17
N MET C 177 6.88 11.91 -1.09
CA MET C 177 8.12 11.39 -0.47
C MET C 177 7.85 9.92 -0.11
N ALA C 178 8.86 9.07 -0.23
CA ALA C 178 8.77 7.62 0.10
C ALA C 178 10.18 7.11 0.38
N SER C 179 10.31 6.03 1.10
CA SER C 179 11.62 5.35 1.26
C SER C 179 11.45 3.86 0.96
N SER C 180 12.52 3.23 0.53
CA SER C 180 12.57 1.77 0.25
C SER C 180 13.73 1.22 1.08
N TYR C 181 13.54 0.06 1.67
CA TYR C 181 14.49 -0.61 2.59
C TYR C 181 14.88 -1.95 1.98
N LEU C 182 16.18 -2.22 1.87
CA LEU C 182 16.70 -3.55 1.48
C LEU C 182 17.47 -4.10 2.70
N THR C 183 16.93 -5.18 3.28
CA THR C 183 17.45 -5.83 4.51
C THR C 183 18.18 -7.13 4.14
N LEU C 184 19.51 -7.13 4.27
CA LEU C 184 20.40 -8.30 4.08
C LEU C 184 21.01 -8.68 5.43
N THR C 185 21.57 -9.89 5.48
CA THR C 185 22.46 -10.37 6.56
C THR C 185 23.75 -9.53 6.46
N ALA C 186 24.49 -9.40 7.56
CA ALA C 186 25.79 -8.69 7.56
C ALA C 186 26.71 -9.38 6.56
N ARG C 187 26.76 -10.72 6.58
CA ARG C 187 27.62 -11.50 5.65
C ARG C 187 27.30 -11.12 4.20
N ALA C 188 26.02 -11.14 3.81
CA ALA C 188 25.59 -10.79 2.43
C ALA C 188 26.10 -9.38 2.06
N TRP C 189 26.11 -8.47 3.02
CA TRP C 189 26.55 -7.06 2.78
C TRP C 189 28.06 -7.08 2.48
N GLU C 190 28.82 -7.84 3.27
CA GLU C 190 30.30 -7.97 3.18
C GLU C 190 30.71 -8.80 1.95
N ARG C 191 29.82 -9.61 1.36
CA ARG C 191 30.14 -10.56 0.26
C ARG C 191 29.75 -10.00 -1.11
N HIS C 192 29.04 -8.87 -1.21
CA HIS C 192 28.70 -8.22 -2.51
C HIS C 192 29.39 -6.86 -2.61
N SER C 193 29.67 -6.42 -3.83
CA SER C 193 30.55 -5.26 -4.15
C SER C 193 29.71 -3.99 -4.31
N SER C 194 28.71 -4.00 -5.20
CA SER C 194 27.88 -2.81 -5.56
C SER C 194 26.39 -3.05 -5.25
N TYR C 195 25.66 -1.96 -5.03
CA TYR C 195 24.26 -1.95 -4.58
C TYR C 195 23.54 -0.81 -5.25
N SER C 196 22.36 -1.08 -5.79
CA SER C 196 21.62 -0.11 -6.63
C SER C 196 20.16 0.00 -6.19
N CYS C 197 19.68 1.23 -6.12
CA CYS C 197 18.28 1.59 -5.87
C CYS C 197 17.75 2.27 -7.14
N GLN C 198 16.70 1.71 -7.73
CA GLN C 198 16.15 2.13 -9.04
C GLN C 198 14.71 2.60 -8.82
N VAL C 199 14.44 3.86 -9.17
CA VAL C 199 13.13 4.51 -8.92
C VAL C 199 12.57 4.88 -10.28
N THR C 200 11.41 4.34 -10.63
CA THR C 200 10.72 4.67 -11.89
C THR C 200 9.54 5.60 -11.58
N HIS C 201 9.49 6.71 -12.29
CA HIS C 201 8.47 7.79 -12.16
C HIS C 201 8.05 8.20 -13.57
N GLU C 202 6.76 8.10 -13.89
CA GLU C 202 6.17 8.44 -15.22
C GLU C 202 7.09 7.87 -16.32
N GLY C 203 7.50 6.61 -16.18
CA GLY C 203 8.21 5.84 -17.22
C GLY C 203 9.67 6.23 -17.39
N HIS C 204 10.23 7.06 -16.49
CA HIS C 204 11.67 7.43 -16.45
C HIS C 204 12.28 6.89 -15.15
N THR C 205 13.53 6.49 -15.20
CA THR C 205 14.21 5.82 -14.07
C THR C 205 15.37 6.70 -13.58
N VAL C 206 15.50 6.76 -12.25
CA VAL C 206 16.53 7.52 -11.50
C VAL C 206 17.26 6.49 -10.62
N GLU C 207 18.51 6.20 -10.90
CA GLU C 207 19.28 5.08 -10.30
C GLU C 207 20.49 5.58 -9.50
N LYS C 208 20.39 5.55 -8.16
CA LYS C 208 21.53 5.77 -7.22
C LYS C 208 22.10 4.42 -6.78
N SER C 209 23.42 4.32 -6.79
CA SER C 209 24.19 3.10 -6.48
C SER C 209 25.35 3.43 -5.55
N LEU C 210 25.90 2.43 -4.86
CA LEU C 210 27.16 2.58 -4.10
C LEU C 210 27.93 1.26 -4.14
N SER C 211 29.26 1.33 -4.09
CA SER C 211 30.19 0.18 -4.00
C SER C 211 30.94 0.28 -2.66
N ARG C 212 30.85 -0.76 -1.82
CA ARG C 212 31.46 -0.77 -0.46
C ARG C 212 32.95 -0.40 -0.55
N ALA C 213 33.63 -0.84 -1.61
CA ALA C 213 35.08 -0.63 -1.86
C ALA C 213 35.28 0.55 -2.82
N ASP C 214 36.45 1.20 -2.70
CA ASP C 214 36.92 2.36 -3.50
C ASP C 214 38.46 2.30 -3.56
C1 NAG D . -13.67 15.02 -24.05
C2 NAG D . -13.46 15.26 -25.54
C3 NAG D . -14.64 15.96 -26.13
C4 NAG D . -15.93 15.17 -25.86
C5 NAG D . -16.06 14.90 -24.35
C6 NAG D . -17.29 14.07 -23.91
C7 NAG D . -11.31 15.66 -26.67
C8 NAG D . -9.91 16.18 -26.45
N2 NAG D . -12.20 15.95 -25.70
O3 NAG D . -14.42 16.06 -27.54
O4 NAG D . -17.02 15.98 -26.33
O5 NAG D . -14.86 14.25 -23.91
O6 NAG D . -17.03 12.66 -23.68
O7 NAG D . -11.57 14.95 -27.63
H1 NAG D . -13.81 16.00 -23.57
H2 NAG D . -13.38 14.26 -26.01
H3 NAG D . -14.72 16.97 -25.70
H4 NAG D . -15.89 14.22 -26.40
H5 NAG D . -16.13 15.87 -23.84
H61 NAG D . -18.08 14.16 -24.65
H62 NAG D . -17.67 14.50 -22.98
H81 NAG D . -9.50 15.73 -25.59
H82 NAG D . -9.32 15.96 -27.30
H83 NAG D . -9.95 17.24 -26.31
HN2 NAG D . -11.92 16.57 -24.96
HO3 NAG D . -15.13 16.58 -27.94
HO6 NAG D . -17.89 12.25 -23.32
C1 NAG D . -17.97 15.33 -27.20
C2 NAG D . -19.27 16.20 -27.23
C3 NAG D . -20.21 15.62 -28.31
C4 NAG D . -19.51 15.66 -29.66
C5 NAG D . -18.29 14.75 -29.59
C6 NAG D . -17.54 14.84 -30.90
C7 NAG D . -19.59 17.21 -24.93
C8 NAG D . -20.18 16.99 -23.56
N2 NAG D . -19.92 16.31 -25.91
O3 NAG D . -21.41 16.37 -28.39
O4 NAG D . -20.37 15.28 -30.75
O5 NAG D . -17.41 15.11 -28.50
O6 NAG D . -16.37 15.64 -30.70
O7 NAG D . -18.80 18.14 -25.06
H1 NAG D . -18.25 14.36 -26.77
H2 NAG D . -18.98 17.21 -27.56
H3 NAG D . -20.43 14.57 -28.05
H4 NAG D . -19.15 16.68 -29.83
H5 NAG D . -18.65 13.72 -29.45
H61 NAG D . -18.15 15.27 -31.68
H62 NAG D . -17.25 13.83 -31.22
H81 NAG D . -19.79 16.09 -23.14
H82 NAG D . -19.93 17.80 -22.92
H83 NAG D . -21.23 16.91 -23.64
HN2 NAG D . -20.59 15.60 -25.69
HO3 NAG D . -22.03 16.01 -29.04
HO4 NAG D . -19.90 15.45 -31.63
HO6 NAG D . -15.91 15.73 -31.49
#